data_2MHZ
#
_entry.id   2MHZ
#
loop_
_entity.id
_entity.type
_entity.pdbx_description
1 polymer "5'-D(*CP*GP*GP*AP*CP*(SDE)P*AP*GP*AP*AP*G)-3'"
2 polymer "5'-D(*CP*TP*TP*CP*TP*TP*GP*TP*CP*CP*G)-3'"
#
loop_
_entity_poly.entity_id
_entity_poly.type
_entity_poly.pdbx_seq_one_letter_code
_entity_poly.pdbx_strand_id
1 'polydeoxyribonucleotide' (DC)(DG)(DG)(DA)(DC)(SDE)(DA)(DG)(DA)(DA)(DG) A
2 'polydeoxyribonucleotide' (DC)(DT)(DT)(DC)(DT)(DT)(DG)(DT)(DC)(DC)(DG) B
#
loop_
_chem_comp.id
_chem_comp.type
_chem_comp.name
_chem_comp.formula
DA DNA linking 2'-DEOXYADENOSINE-5'-MONOPHOSPHATE 'C10 H14 N5 O6 P'
DC DNA linking 2'-DEOXYCYTIDINE-5'-MONOPHOSPHATE 'C9 H14 N3 O7 P'
DG DNA linking 2'-DEOXYGUANOSINE-5'-MONOPHOSPHATE 'C10 H14 N5 O7 P'
DT DNA linking THYMIDINE-5'-MONOPHOSPHATE 'C10 H15 N2 O8 P'
SDE DNA linking (S,S)-N6,N6-(2,3-dihydroxy-1,4-butadiyl)-2'-deoxyadenosine-5'-monophosphate 'C14 H22 N5 O8 P'
#
# COMPACT_ATOMS: atom_id res chain seq x y z
P SDE A 6 5.54 5.74 -1.74
O1P SDE A 6 6.98 5.54 -2.06
O2P SDE A 6 5.16 6.76 -0.73
O5' SDE A 6 4.72 6.03 -3.11
C5' SDE A 6 5.03 5.39 -4.34
C4' SDE A 6 3.88 5.38 -5.35
O4' SDE A 6 2.95 4.35 -5.02
C1' SDE A 6 1.71 4.92 -4.61
N9 SDE A 6 1.31 4.30 -3.33
C8 SDE A 6 1.83 4.52 -2.07
N7 SDE A 6 1.36 3.72 -1.14
C5 SDE A 6 0.45 2.93 -1.84
C6 SDE A 6 -0.40 1.86 -1.47
N6 SDE A 6 -0.41 1.29 -0.26
CA SDE A 6 0.03 -0.08 -0.01
CB SDE A 6 0.13 -0.14 1.51
OB SDE A 6 -0.11 -1.46 1.97
CG SDE A 6 -0.97 0.85 1.96
OG SDE A 6 -0.78 1.23 3.32
CD SDE A 6 -0.75 2.00 0.98
N1 SDE A 6 -1.18 1.30 -2.41
C2 SDE A 6 -1.16 1.78 -3.65
N3 SDE A 6 -0.42 2.76 -4.13
C4 SDE A 6 0.38 3.30 -3.17
C3' SDE A 6 3.10 6.70 -5.45
C2' SDE A 6 1.90 6.44 -4.54
O3' SDE A 6 2.76 6.93 -6.82
H5'2 SDE A 6 5.89 5.91 -4.79
H5'1 SDE A 6 5.34 4.36 -4.15
H4' SDE A 6 4.30 5.16 -6.33
H1' SDE A 6 0.96 4.69 -5.38
H8 SDE A 6 2.58 5.28 -1.87
HA2 SDE A 6 -0.67 -0.80 -0.44
HA1 SDE A 6 1.00 -0.23 -0.47
HB SDE A 6 1.10 0.22 1.86
HOB SDE A 6 -0.10 -1.45 2.94
HG SDE A 6 -1.95 0.39 1.82
HOG SDE A 6 -1.44 1.92 3.54
HD1 SDE A 6 -1.66 2.57 0.84
HD2 SDE A 6 0.04 2.68 1.28
H2 SDE A 6 -1.81 1.28 -4.36
H3' SDE A 6 3.69 7.54 -5.07
H2'2 SDE A 6 2.13 6.76 -3.53
H2'1 SDE A 6 1.01 6.94 -4.89
P SDE A 6 5.62 5.85 -2.17
O1P SDE A 6 7.04 5.60 -2.56
O2P SDE A 6 5.33 6.84 -1.12
O5' SDE A 6 4.77 6.22 -3.49
C5' SDE A 6 5.00 5.60 -4.75
C4' SDE A 6 3.81 5.68 -5.73
O4' SDE A 6 2.87 4.68 -5.41
C1' SDE A 6 1.67 5.26 -4.92
N9 SDE A 6 1.33 4.61 -3.63
C8 SDE A 6 1.87 4.80 -2.39
N7 SDE A 6 1.42 4.00 -1.47
C5 SDE A 6 0.48 3.23 -2.14
C6 SDE A 6 -0.37 2.17 -1.77
N6 SDE A 6 -0.38 1.61 -0.55
CA SDE A 6 -0.01 0.21 -0.29
CB SDE A 6 0.14 0.19 1.23
OB SDE A 6 -0.13 -1.12 1.73
CG SDE A 6 -0.89 1.21 1.71
OG SDE A 6 -0.60 1.66 3.04
CD SDE A 6 -0.73 2.34 0.68
N1 SDE A 6 -1.18 1.62 -2.69
C2 SDE A 6 -1.18 2.11 -3.92
N3 SDE A 6 -0.44 3.10 -4.41
C4 SDE A 6 0.39 3.61 -3.46
C3' SDE A 6 3.08 7.03 -5.75
C2' SDE A 6 1.90 6.77 -4.80
O3' SDE A 6 2.69 7.34 -7.09
H5'2 SDE A 6 5.86 6.08 -5.22
H5'1 SDE A 6 5.24 4.56 -4.60
H4' SDE A 6 4.21 5.48 -6.72
H1' SDE A 6 0.87 5.09 -5.64
H8 SDE A 6 2.64 5.54 -2.20
HA2 SDE A 6 -0.76 -0.47 -0.67
HA1 SDE A 6 0.92 0.00 -0.80
HB SDE A 6 1.14 0.51 1.53
HOB SDE A 6 0.58 -1.72 1.48
HG SDE A 6 -1.89 0.78 1.66
HOG SDE A 6 -0.68 0.89 3.63
HD1 SDE A 6 -1.68 2.86 0.53
HD2 SDE A 6 0.02 3.07 0.93
H2 SDE A 6 -1.86 1.64 -4.63
H3' SDE A 6 3.71 7.83 -5.36
H2'2 SDE A 6 2.18 7.06 -3.79
H2'1 SDE A 6 1.01 7.32 -5.09
P SDE A 6 5.89 5.60 -1.59
O1P SDE A 6 7.29 5.34 -2.00
O2P SDE A 6 5.64 6.57 -0.50
O5' SDE A 6 5.02 6.04 -2.88
C5' SDE A 6 5.24 5.48 -4.17
C4' SDE A 6 4.02 5.59 -5.11
O4' SDE A 6 3.08 4.57 -4.78
C1' SDE A 6 1.89 5.15 -4.28
N9 SDE A 6 1.53 4.48 -3.02
C8 SDE A 6 2.07 4.64 -1.77
N7 SDE A 6 1.60 3.81 -0.87
C5 SDE A 6 0.66 3.06 -1.57
C6 SDE A 6 -0.20 1.99 -1.24
N6 SDE A 6 -0.20 1.37 -0.04
CA SDE A 6 0.14 -0.03 0.13
CB SDE A 6 0.11 -0.21 1.65
OB SDE A 6 -0.30 -1.53 1.98
CG SDE A 6 -0.88 0.86 2.12
OG SDE A 6 -0.71 1.14 3.51
CD SDE A 6 -0.51 2.04 1.22
N1 SDE A 6 -1.00 1.48 -2.19
C2 SDE A 6 -0.98 2.01 -3.41
N3 SDE A 6 -0.23 3.01 -3.85
C4 SDE A 6 0.59 3.49 -2.88
C3' SDE A 6 3.30 6.94 -5.08
C2' SDE A 6 2.14 6.66 -4.14
O3' SDE A 6 2.91 7.29 -6.41
H5'2 SDE A 6 6.08 6.00 -4.63
H5'1 SDE A 6 5.50 4.43 -4.07
H4' SDE A 6 4.38 5.41 -6.13
H1' SDE A 6 1.09 5.01 -5.02
H8 SDE A 6 2.84 5.36 -1.54
HA2 SDE A 6 -0.57 -0.68 -0.40
HA1 SDE A 6 1.13 -0.20 -0.27
HB SDE A 6 1.10 -0.01 2.08
HOB SDE A 6 -0.34 -1.60 2.95
HG SDE A 6 -1.91 0.53 1.92
HOG SDE A 6 -1.31 1.86 3.75
HD1 SDE A 6 -1.35 2.72 1.10
HD2 SDE A 6 0.34 2.61 1.59
H2 SDE A 6 -1.66 1.56 -4.13
H3' SDE A 6 3.95 7.71 -4.68
H2'2 SDE A 6 2.43 6.92 -3.12
H2'1 SDE A 6 1.24 7.23 -4.40
P SDE A 6 5.57 5.62 -2.09
O1P SDE A 6 6.99 5.36 -2.46
O2P SDE A 6 5.29 6.65 -1.06
O5' SDE A 6 4.72 5.96 -3.41
C5' SDE A 6 4.93 5.29 -4.65
C4' SDE A 6 3.74 5.39 -5.62
O4' SDE A 6 2.77 4.40 -5.28
C1' SDE A 6 1.58 5.03 -4.79
N9 SDE A 6 1.24 4.40 -3.50
C8 SDE A 6 1.78 4.62 -2.25
N7 SDE A 6 1.33 3.82 -1.32
C5 SDE A 6 0.40 3.03 -1.99
C6 SDE A 6 -0.44 1.96 -1.62
N6 SDE A 6 -0.45 1.39 -0.39
CA SDE A 6 -0.13 -0.01 -0.14
CB SDE A 6 -0.01 -0.06 1.38
OB SDE A 6 -0.34 -1.35 1.86
CG SDE A 6 -1.02 0.99 1.84
OG SDE A 6 -0.75 1.41 3.18
CD SDE A 6 -0.82 2.12 0.82
N1 SDE A 6 -1.23 1.39 -2.54
C2 SDE A 6 -1.23 1.86 -3.79
N3 SDE A 6 -0.50 2.86 -4.27
C4 SDE A 6 0.32 3.39 -3.31
C3' SDE A 6 3.05 6.76 -5.65
C2' SDE A 6 1.87 6.53 -4.72
O3' SDE A 6 2.69 7.05 -7.00
H5'2 SDE A 6 5.81 5.72 -5.13
H5'1 SDE A 6 5.14 4.23 -4.46
H4' SDE A 6 4.12 5.16 -6.62
H1' SDE A 6 0.78 4.86 -5.51
H8 SDE A 6 2.54 5.37 -2.06
HA2 SDE A 6 -0.89 -0.67 -0.55
HA1 SDE A 6 0.80 -0.25 -0.63
HB SDE A 6 0.99 0.22 1.70
HOB SDE A 6 0.36 -1.98 1.62
HG SDE A 6 -2.03 0.59 1.78
HOG SDE A 6 -0.82 0.63 3.76
HD1 SDE A 6 -1.74 2.67 0.66
HD2 SDE A 6 -0.05 2.83 1.12
H2 SDE A 6 -1.89 1.38 -4.48
H3' SDE A 6 3.70 7.53 -5.26
H2'2 SDE A 6 2.14 6.84 -3.71
H2'1 SDE A 6 0.98 7.10 -5.02
P SDE A 6 5.78 5.58 -1.43
O1P SDE A 6 7.21 5.32 -1.78
O2P SDE A 6 5.47 6.57 -0.37
O5' SDE A 6 4.97 5.98 -2.77
C5' SDE A 6 5.25 5.38 -4.03
C4' SDE A 6 4.05 5.41 -5.01
O4' SDE A 6 3.12 4.40 -4.66
C1' SDE A 6 1.90 5.00 -4.24
N9 SDE A 6 1.49 4.37 -2.96
C8 SDE A 6 2.01 4.57 -1.70
N7 SDE A 6 1.52 3.77 -0.78
C5 SDE A 6 0.59 3.01 -1.49
C6 SDE A 6 -0.28 1.94 -1.14
N6 SDE A 6 -0.30 1.34 0.06
CA SDE A 6 0.05 -0.07 0.27
CB SDE A 6 0.02 -0.22 1.79
OB SDE A 6 -0.43 -1.52 2.15
CG SDE A 6 -0.94 0.88 2.26
OG SDE A 6 -0.72 1.18 3.64
CD SDE A 6 -0.61 2.03 1.32
N1 SDE A 6 -1.07 1.41 -2.09
C2 SDE A 6 -1.03 1.90 -3.31
N3 SDE A 6 -0.27 2.88 -3.78
C4 SDE A 6 0.54 3.38 -2.81
C3' SDE A 6 3.31 6.76 -5.08
C2' SDE A 6 2.12 6.50 -4.15
O3' SDE A 6 2.97 7.00 -6.44
H5'2 SDE A 6 6.09 5.91 -4.48
H5'1 SDE A 6 5.53 4.34 -3.89
H4' SDE A 6 4.45 5.19 -6.00
H1' SDE A 6 1.13 4.80 -5.00
H8 SDE A 6 2.76 5.30 -1.48
HA2 SDE A 6 -0.64 -0.72 -0.26
HA1 SDE A 6 1.05 -0.23 -0.12
HB SDE A 6 1.01 -0.04 2.22
HOB SDE A 6 -0.44 -1.59 3.12
HG SDE A 6 -1.98 0.55 2.12
HOG SDE A 6 -1.27 1.95 3.88
HD1 SDE A 6 -1.46 2.69 1.18
HD2 SDE A 6 0.24 2.64 1.67
H2 SDE A 6 -1.69 1.44 -4.04
H3' SDE A 6 3.93 7.57 -4.70
H2'2 SDE A 6 2.39 6.81 -3.14
H2'1 SDE A 6 1.24 7.04 -4.47
P SDE A 6 5.70 5.61 -1.51
O1P SDE A 6 7.12 5.37 -1.85
O2P SDE A 6 5.37 6.61 -0.46
O5' SDE A 6 4.87 5.99 -2.85
C5' SDE A 6 5.15 5.38 -4.11
C4' SDE A 6 3.98 5.47 -5.11
O4' SDE A 6 3.00 4.47 -4.80
C1' SDE A 6 1.80 5.08 -4.37
N9 SDE A 6 1.40 4.44 -3.09
C8 SDE A 6 1.94 4.61 -1.84
N7 SDE A 6 1.46 3.80 -0.93
C5 SDE A 6 0.51 3.06 -1.64
C6 SDE A 6 -0.36 2.01 -1.29
N6 SDE A 6 -0.36 1.39 -0.09
CA SDE A 6 0.03 -0.01 0.08
CB SDE A 6 0.07 -0.17 1.61
OB SDE A 6 -0.30 -1.48 1.98
CG SDE A 6 -0.93 0.89 2.10
OG SDE A 6 -0.74 1.19 3.48
CD SDE A 6 -0.62 2.07 1.18
N1 SDE A 6 -1.17 1.49 -2.23
C2 SDE A 6 -1.15 2.00 -3.46
N3 SDE A 6 -0.39 2.98 -3.92
C4 SDE A 6 0.44 3.47 -2.96
C3' SDE A 6 3.27 6.83 -5.16
C2' SDE A 6 2.05 6.59 -4.27
O3' SDE A 6 2.96 7.13 -6.51
H5'2 SDE A 6 6.02 5.86 -4.55
H5'1 SDE A 6 5.38 4.32 -3.97
H4' SDE A 6 4.39 5.26 -6.10
H1' SDE A 6 1.03 4.91 -5.13
H8 SDE A 6 2.71 5.34 -1.63
HA2 SDE A 6 -0.66 -0.68 -0.41
HA1 SDE A 6 1.01 -0.15 -0.35
HB SDE A 6 1.07 0.07 1.99
HOB SDE A 6 -0.32 -1.54 2.95
HG SDE A 6 -1.95 0.52 1.93
HOG SDE A 6 0.09 1.69 3.58
HD1 SDE A 6 -1.47 2.73 1.08
HD2 SDE A 6 0.24 2.66 1.50
H2 SDE A 6 -1.82 1.56 -4.18
H3' SDE A 6 3.89 7.62 -4.74
H2'2 SDE A 6 2.29 6.87 -3.25
H2'1 SDE A 6 1.18 7.14 -4.60
P SDE A 6 5.25 5.79 -2.12
O1P SDE A 6 6.68 5.58 -2.47
O2P SDE A 6 4.91 6.86 -1.15
O5' SDE A 6 4.39 6.02 -3.47
C5' SDE A 6 4.65 5.30 -4.67
C4' SDE A 6 3.48 5.32 -5.66
O4' SDE A 6 2.51 4.32 -5.32
C1' SDE A 6 1.33 4.94 -4.85
N9 SDE A 6 0.99 4.33 -3.54
C8 SDE A 6 1.51 4.59 -2.30
N7 SDE A 6 1.08 3.81 -1.34
C5 SDE A 6 0.18 2.98 -2.00
C6 SDE A 6 -0.63 1.89 -1.59
N6 SDE A 6 -0.62 1.35 -0.36
CA SDE A 6 -0.30 -0.05 -0.11
CB SDE A 6 -0.33 -0.15 1.42
OB SDE A 6 -0.76 -1.45 1.82
CG SDE A 6 -1.32 0.95 1.83
OG SDE A 6 -1.13 1.34 3.19
CD SDE A 6 -0.98 2.08 0.86
N1 SDE A 6 -1.41 1.28 -2.50
C2 SDE A 6 -1.41 1.73 -3.76
N3 SDE A 6 -0.71 2.73 -4.27
C4 SDE A 6 0.08 3.32 -3.33
C3' SDE A 6 2.74 6.66 -5.77
C2' SDE A 6 1.56 6.45 -4.81
O3' SDE A 6 2.36 6.88 -7.12
H5'2 SDE A 6 5.53 5.73 -5.15
H5'1 SDE A 6 4.87 4.26 -4.42
H4' SDE A 6 3.89 5.07 -6.65
H1' SDE A 6 0.53 4.73 -5.56
H8 SDE A 6 2.25 5.37 -2.12
HA2 SDE A 6 -1.01 -0.71 -0.61
HA1 SDE A 6 0.69 -0.27 -0.50
HB SDE A 6 0.65 0.08 1.84
HOB SDE A 6 -0.07 -2.09 1.61
HG SDE A 6 -2.34 0.60 1.68
HOG SDE A 6 -1.72 2.08 3.39
HD1 SDE A 6 -1.85 2.70 0.67
HD2 SDE A 6 -0.17 2.72 1.19
H2 SDE A 6 -2.05 1.21 -4.45
H3' SDE A 6 3.37 7.48 -5.42
H2'2 SDE A 6 1.84 6.78 -3.82
H2'1 SDE A 6 0.68 6.98 -5.14
P SDE A 6 5.81 5.63 -2.02
O1P SDE A 6 7.23 5.39 -2.41
O2P SDE A 6 5.51 6.69 -1.03
O5' SDE A 6 4.94 5.92 -3.36
C5' SDE A 6 5.16 5.22 -4.58
C4' SDE A 6 3.96 5.27 -5.55
O4' SDE A 6 2.99 4.30 -5.19
C1' SDE A 6 1.81 4.92 -4.72
N9 SDE A 6 1.48 4.34 -3.40
C8 SDE A 6 2.05 4.57 -2.18
N7 SDE A 6 1.61 3.81 -1.21
C5 SDE A 6 0.66 3.02 -1.85
C6 SDE A 6 -0.18 1.97 -1.43
N6 SDE A 6 -0.16 1.43 -0.20
CA SDE A 6 0.19 0.03 0.07
CB SDE A 6 0.33 0.01 1.59
OB SDE A 6 0.07 -1.29 2.08
CG SDE A 6 -0.72 1.04 2.04
OG SDE A 6 -0.49 1.45 3.38
CD SDE A 6 -0.51 2.17 1.03
N1 SDE A 6 -1.02 1.39 -2.31
C2 SDE A 6 -1.03 1.84 -3.57
N3 SDE A 6 -0.30 2.81 -4.10
C4 SDE A 6 0.54 3.35 -3.18
C3' SDE A 6 3.26 6.64 -5.63
C2' SDE A 6 2.07 6.44 -4.69
O3' SDE A 6 2.91 6.90 -6.98
H5'2 SDE A 6 6.03 5.65 -5.06
H5'1 SDE A 6 5.37 4.17 -4.36
H4' SDE A 6 4.35 5.03 -6.54
H1' SDE A 6 1.00 4.73 -5.43
H8 SDE A 6 2.82 5.32 -2.02
HA2 SDE A 6 -0.56 -0.64 -0.32
HA1 SDE A 6 1.14 -0.19 -0.41
HB SDE A 6 1.32 0.35 1.90
HOB SDE A 6 0.09 -1.26 3.06
HG SDE A 6 -1.73 0.61 1.94
HOG SDE A 6 -1.12 2.17 3.59
HD1 SDE A 6 -1.42 2.74 0.86
HD2 SDE A 6 0.28 2.86 1.31
H2 SDE A 6 -1.72 1.35 -4.24
H3' SDE A 6 3.91 7.43 -5.25
H2'2 SDE A 6 2.34 6.77 -3.69
H2'1 SDE A 6 1.19 6.98 -5.03
#